data_9K5P
#
_entry.id   9K5P
#
_cell.length_a   76.767
_cell.length_b   76.767
_cell.length_c   118.278
_cell.angle_alpha   90.00
_cell.angle_beta   90.00
_cell.angle_gamma   90.00
#
_symmetry.space_group_name_H-M   'P 43 21 2'
#
loop_
_entity.id
_entity.type
_entity.pdbx_description
1 polymer C3-Zn2-HEHE-19
2 non-polymer 'ZINC ION'
3 non-polymer 'NITRATE ION'
4 water water
#
_entity_poly.entity_id   1
_entity_poly.type   'polypeptide(L)'
_entity_poly.pdbx_seq_one_letter_code
;MGHHHHHHHHSSGLEVLFQGPGGTEEEKHHLHDDLDLLTILLELNLRNGKLSKELVEEAKRIAEIVKEAIEKGAVEVAEK
GLEVIDAAAHGKISLEEVKEAREKLKKELEEE
;
_entity_poly.pdbx_strand_id   A,B,C
#
# COMPACT_ATOMS: atom_id res chain seq x y z
N GLY A 20 -3.61 -14.66 -14.16
CA GLY A 20 -3.73 -13.21 -14.15
C GLY A 20 -3.91 -12.61 -15.53
N PRO A 21 -3.71 -11.29 -15.64
CA PRO A 21 -3.84 -10.60 -16.94
C PRO A 21 -2.65 -10.80 -17.87
N GLY A 22 -1.78 -11.75 -17.58
CA GLY A 22 -0.55 -11.92 -18.33
C GLY A 22 0.60 -11.14 -17.71
N GLY A 23 1.81 -11.56 -18.07
CA GLY A 23 3.02 -10.95 -17.57
C GLY A 23 3.36 -9.64 -18.24
N THR A 24 2.39 -8.73 -18.35
CA THR A 24 2.62 -7.40 -18.88
C THR A 24 3.31 -6.53 -17.82
N GLU A 25 3.95 -5.45 -18.30
CA GLU A 25 4.56 -4.49 -17.38
C GLU A 25 3.55 -3.94 -16.37
N GLU A 26 2.29 -3.80 -16.78
CA GLU A 26 1.26 -3.30 -15.89
C GLU A 26 0.95 -4.30 -14.78
N GLU A 27 0.90 -5.59 -15.11
CA GLU A 27 0.67 -6.59 -14.08
C GLU A 27 1.87 -6.70 -13.13
N LYS A 28 3.08 -6.72 -13.69
CA LYS A 28 4.29 -6.74 -12.87
C LYS A 28 4.31 -5.55 -11.93
N HIS A 29 3.94 -4.36 -12.43
CA HIS A 29 3.92 -3.18 -11.59
C HIS A 29 2.90 -3.34 -10.47
N HIS A 30 1.75 -3.94 -10.77
CA HIS A 30 0.76 -4.17 -9.72
C HIS A 30 1.30 -5.15 -8.67
N LEU A 31 1.90 -6.25 -9.12
CA LEU A 31 2.47 -7.21 -8.18
C LEU A 31 3.52 -6.55 -7.30
N HIS A 32 4.33 -5.64 -7.87
CA HIS A 32 5.35 -4.97 -7.07
C HIS A 32 4.71 -4.04 -6.02
N ASP A 33 3.65 -3.30 -6.40
CA ASP A 33 2.90 -2.49 -5.43
C ASP A 33 2.47 -3.33 -4.24
N ASP A 34 1.86 -4.48 -4.51
CA ASP A 34 1.39 -5.38 -3.46
C ASP A 34 2.53 -5.83 -2.57
N LEU A 35 3.69 -6.12 -3.16
CA LEU A 35 4.84 -6.53 -2.35
C LEU A 35 5.32 -5.40 -1.47
N ASP A 36 5.36 -4.18 -2.00
CA ASP A 36 5.67 -3.03 -1.16
C ASP A 36 4.68 -2.91 -0.02
N LEU A 37 3.38 -3.03 -0.34
CA LEU A 37 2.33 -2.89 0.66
C LEU A 37 2.47 -3.94 1.75
N LEU A 38 2.72 -5.18 1.36
CA LEU A 38 2.88 -6.27 2.33
C LEU A 38 4.20 -6.17 3.10
N THR A 39 5.25 -5.62 2.47
CA THR A 39 6.48 -5.33 3.20
C THR A 39 6.19 -4.40 4.36
N ILE A 40 5.37 -3.38 4.12
CA ILE A 40 5.02 -2.44 5.18
C ILE A 40 4.15 -3.14 6.22
N LEU A 41 3.16 -3.91 5.78
CA LEU A 41 2.24 -4.51 6.74
C LEU A 41 2.95 -5.49 7.64
N LEU A 42 3.95 -6.21 7.12
CA LEU A 42 4.69 -7.15 7.97
C LEU A 42 5.40 -6.42 9.09
N GLU A 43 5.99 -5.26 8.78
CA GLU A 43 6.66 -4.46 9.80
C GLU A 43 5.66 -3.87 10.79
N LEU A 44 4.56 -3.29 10.28
CA LEU A 44 3.54 -2.76 11.18
C LEU A 44 3.14 -3.80 12.20
N ASN A 45 2.89 -5.02 11.73
CA ASN A 45 2.33 -6.06 12.57
C ASN A 45 3.39 -6.85 13.33
N LEU A 46 4.65 -6.79 12.90
CA LEU A 46 5.72 -7.21 13.80
C LEU A 46 5.86 -6.23 14.97
N ARG A 47 5.83 -4.92 14.68
CA ARG A 47 6.08 -3.93 15.72
C ARG A 47 5.01 -3.93 16.80
N ASN A 48 3.74 -4.12 16.42
CA ASN A 48 2.71 -4.10 17.44
C ASN A 48 2.51 -5.47 18.12
N GLY A 49 3.42 -6.42 17.89
CA GLY A 49 3.40 -7.71 18.54
C GLY A 49 2.51 -8.77 17.93
N LYS A 50 1.85 -8.47 16.80
CA LYS A 50 0.91 -9.42 16.21
C LYS A 50 1.63 -10.61 15.61
N LEU A 51 2.82 -10.40 15.09
CA LEU A 51 3.57 -11.37 14.31
C LEU A 51 4.90 -11.61 14.98
N SER A 52 5.44 -12.80 14.80
CA SER A 52 6.72 -13.15 15.40
C SER A 52 7.87 -12.91 14.43
N LYS A 53 9.08 -12.83 15.00
CA LYS A 53 10.27 -12.64 14.20
C LYS A 53 10.45 -13.76 13.19
N GLU A 54 10.23 -15.01 13.63
CA GLU A 54 10.41 -16.12 12.71
C GLU A 54 9.33 -16.14 11.63
N LEU A 55 8.11 -15.76 11.97
CA LEU A 55 7.05 -15.66 10.97
C LEU A 55 7.45 -14.66 9.87
N VAL A 56 7.89 -13.47 10.27
CA VAL A 56 8.25 -12.43 9.32
C VAL A 56 9.45 -12.87 8.47
N GLU A 57 10.43 -13.52 9.10
CA GLU A 57 11.58 -14.01 8.34
C GLU A 57 11.17 -15.01 7.28
N GLU A 58 10.28 -15.95 7.62
CA GLU A 58 9.76 -16.87 6.62
C GLU A 58 8.95 -16.14 5.56
N ALA A 59 8.13 -15.16 5.96
CA ALA A 59 7.38 -14.39 4.98
C ALA A 59 8.32 -13.65 4.05
N LYS A 60 9.42 -13.11 4.58
CA LYS A 60 10.39 -12.43 3.72
C LYS A 60 11.08 -13.40 2.77
N ARG A 61 11.17 -14.68 3.12
CA ARG A 61 11.74 -15.62 2.17
C ARG A 61 10.76 -15.88 1.06
N ILE A 62 9.45 -15.87 1.36
CA ILE A 62 8.46 -15.91 0.29
C ILE A 62 8.52 -14.62 -0.54
N ALA A 63 8.72 -13.48 0.11
CA ALA A 63 8.82 -12.22 -0.63
C ALA A 63 9.98 -12.26 -1.63
N GLU A 64 11.11 -12.86 -1.23
CA GLU A 64 12.22 -13.04 -2.17
C GLU A 64 11.80 -13.90 -3.35
N ILE A 65 11.05 -14.99 -3.09
CA ILE A 65 10.54 -15.79 -4.20
C ILE A 65 9.59 -14.97 -5.07
N VAL A 66 8.76 -14.14 -4.44
CA VAL A 66 7.82 -13.31 -5.20
C VAL A 66 8.60 -12.34 -6.09
N LYS A 67 9.64 -11.71 -5.53
CA LYS A 67 10.46 -10.77 -6.29
C LYS A 67 10.96 -11.41 -7.58
N GLU A 68 11.61 -12.57 -7.46
CA GLU A 68 12.11 -13.26 -8.63
C GLU A 68 10.99 -13.61 -9.59
N ALA A 69 9.87 -14.09 -9.06
CA ALA A 69 8.75 -14.42 -9.93
C ALA A 69 8.27 -13.20 -10.71
N ILE A 70 8.15 -12.04 -10.05
CA ILE A 70 7.72 -10.84 -10.76
C ILE A 70 8.69 -10.52 -11.89
N GLU A 71 9.99 -10.56 -11.58
CA GLU A 71 11.00 -10.30 -12.59
C GLU A 71 10.85 -11.25 -13.78
N LYS A 72 10.71 -12.55 -13.51
CA LYS A 72 10.67 -13.55 -14.57
C LYS A 72 9.32 -13.66 -15.27
N GLY A 73 8.34 -12.83 -14.91
CA GLY A 73 7.02 -12.92 -15.50
C GLY A 73 6.13 -14.02 -14.97
N ALA A 74 6.53 -14.70 -13.89
CA ALA A 74 5.73 -15.80 -13.33
C ALA A 74 4.67 -15.21 -12.41
N VAL A 75 3.61 -14.69 -13.03
CA VAL A 75 2.64 -13.89 -12.27
C VAL A 75 1.85 -14.77 -11.33
N GLU A 76 1.60 -16.02 -11.72
CA GLU A 76 0.79 -16.91 -10.89
C GLU A 76 1.55 -17.33 -9.63
N VAL A 77 2.85 -17.64 -9.78
CA VAL A 77 3.66 -17.91 -8.60
C VAL A 77 3.75 -16.67 -7.72
N ALA A 78 3.83 -15.49 -8.32
CA ALA A 78 3.93 -14.27 -7.53
C ALA A 78 2.63 -14.00 -6.79
N GLU A 79 1.49 -14.09 -7.51
CA GLU A 79 0.19 -13.87 -6.88
C GLU A 79 -0.04 -14.84 -5.71
N LYS A 80 0.43 -16.08 -5.85
CA LYS A 80 0.30 -17.06 -4.78
C LYS A 80 1.14 -16.67 -3.56
N GLY A 81 2.41 -16.32 -3.79
CA GLY A 81 3.23 -15.88 -2.68
C GLY A 81 2.67 -14.64 -1.99
N LEU A 82 2.11 -13.71 -2.77
CA LEU A 82 1.51 -12.52 -2.17
C LEU A 82 0.30 -12.89 -1.31
N GLU A 83 -0.52 -13.83 -1.77
CA GLU A 83 -1.68 -14.26 -1.00
C GLU A 83 -1.28 -14.94 0.30
N VAL A 84 -0.20 -15.72 0.26
CA VAL A 84 0.30 -16.35 1.49
C VAL A 84 0.85 -15.30 2.43
N ILE A 85 1.68 -14.40 1.90
CA ILE A 85 2.25 -13.34 2.73
C ILE A 85 1.14 -12.51 3.36
N ASP A 86 0.11 -12.17 2.58
CA ASP A 86 -1.00 -11.38 3.10
C ASP A 86 -1.72 -12.13 4.22
N ALA A 87 -2.05 -13.39 3.98
CA ALA A 87 -2.70 -14.19 5.01
C ALA A 87 -1.83 -14.29 6.27
N ALA A 88 -0.51 -14.44 6.09
CA ALA A 88 0.39 -14.47 7.24
C ALA A 88 0.38 -13.15 7.99
N ALA A 89 0.44 -12.03 7.26
CA ALA A 89 0.54 -10.74 7.92
C ALA A 89 -0.70 -10.41 8.74
N HIS A 90 -1.84 -10.93 8.33
CA HIS A 90 -3.08 -10.76 9.06
C HIS A 90 -3.25 -11.76 10.20
N GLY A 91 -2.23 -12.57 10.49
CA GLY A 91 -2.36 -13.59 11.52
C GLY A 91 -3.32 -14.72 11.20
N LYS A 92 -3.49 -15.06 9.92
CA LYS A 92 -4.48 -16.05 9.52
C LYS A 92 -3.88 -17.42 9.18
N ILE A 93 -2.57 -17.57 9.10
CA ILE A 93 -1.98 -18.88 8.87
C ILE A 93 -0.80 -19.05 9.81
N SER A 94 -0.53 -20.31 10.16
CA SER A 94 0.48 -20.61 11.17
C SER A 94 1.88 -20.51 10.58
N LEU A 95 2.85 -20.41 11.47
CA LEU A 95 4.25 -20.45 11.07
C LEU A 95 4.54 -21.72 10.27
N GLU A 96 3.98 -22.85 10.69
CA GLU A 96 4.18 -24.11 9.97
C GLU A 96 3.61 -24.05 8.55
N GLU A 97 2.46 -23.39 8.38
CA GLU A 97 1.88 -23.27 7.04
C GLU A 97 2.73 -22.35 6.16
N VAL A 98 3.27 -21.29 6.73
CA VAL A 98 4.10 -20.37 5.95
C VAL A 98 5.36 -21.08 5.45
N LYS A 99 6.03 -21.80 6.34
CA LYS A 99 7.20 -22.59 5.92
C LYS A 99 6.84 -23.57 4.83
N GLU A 100 5.77 -24.35 5.05
CA GLU A 100 5.28 -25.26 4.03
C GLU A 100 5.02 -24.53 2.71
N ALA A 101 4.36 -23.38 2.77
CA ALA A 101 4.07 -22.66 1.54
C ALA A 101 5.36 -22.19 0.88
N ARG A 102 6.35 -21.79 1.67
CA ARG A 102 7.59 -21.31 1.06
C ARG A 102 8.29 -22.42 0.29
N GLU A 103 8.34 -23.63 0.86
CA GLU A 103 8.93 -24.77 0.16
C GLU A 103 8.21 -25.04 -1.15
N LYS A 104 6.87 -25.15 -1.10
CA LYS A 104 6.09 -25.41 -2.31
C LYS A 104 6.32 -24.34 -3.37
N LEU A 105 6.34 -23.06 -2.96
CA LEU A 105 6.43 -21.99 -3.95
C LEU A 105 7.82 -21.94 -4.58
N LYS A 106 8.86 -22.20 -3.80
CA LYS A 106 10.23 -22.22 -4.33
C LYS A 106 10.39 -23.30 -5.38
N LYS A 107 9.69 -24.42 -5.22
CA LYS A 107 9.73 -25.52 -6.17
C LYS A 107 8.89 -25.20 -7.41
N GLU A 108 7.67 -24.74 -7.20
CA GLU A 108 6.79 -24.36 -8.30
C GLU A 108 7.47 -23.36 -9.23
N LEU A 109 8.39 -22.56 -8.70
CA LEU A 109 9.23 -21.69 -9.53
C LEU A 109 10.31 -22.52 -10.21
N GLU B 25 -11.54 8.66 -12.93
CA GLU B 25 -10.41 8.15 -13.69
C GLU B 25 -9.67 7.06 -12.90
N GLU B 26 -9.51 5.90 -13.53
CA GLU B 26 -8.76 4.82 -12.88
C GLU B 26 -7.31 5.22 -12.64
N GLU B 27 -6.71 5.95 -13.59
CA GLU B 27 -5.29 6.28 -13.49
C GLU B 27 -5.02 7.22 -12.33
N LYS B 28 -5.79 8.30 -12.23
CA LYS B 28 -5.62 9.24 -11.12
C LYS B 28 -5.76 8.50 -9.79
N HIS B 29 -6.71 7.59 -9.71
CA HIS B 29 -6.92 6.83 -8.49
C HIS B 29 -5.70 5.95 -8.18
N HIS B 30 -5.20 5.24 -9.19
CA HIS B 30 -3.99 4.45 -9.00
C HIS B 30 -2.82 5.33 -8.57
N LEU B 31 -2.63 6.46 -9.25
CA LEU B 31 -1.54 7.37 -8.89
C LEU B 31 -1.62 7.77 -7.42
N HIS B 32 -2.83 8.03 -6.94
CA HIS B 32 -2.96 8.44 -5.54
C HIS B 32 -2.66 7.27 -4.61
N ASP B 33 -3.13 6.07 -4.92
CA ASP B 33 -2.74 4.88 -4.16
C ASP B 33 -1.22 4.79 -4.02
N ASP B 34 -0.50 4.91 -5.13
CA ASP B 34 0.97 4.75 -5.10
C ASP B 34 1.66 5.84 -4.30
N LEU B 35 1.14 7.07 -4.33
CA LEU B 35 1.77 8.12 -3.53
C LEU B 35 1.58 7.87 -2.04
N ASP B 36 0.38 7.45 -1.63
CA ASP B 36 0.17 6.97 -0.27
C ASP B 36 1.14 5.85 0.07
N LEU B 37 1.20 4.81 -0.78
CA LEU B 37 2.06 3.66 -0.52
C LEU B 37 3.52 4.10 -0.37
N LEU B 38 4.00 4.92 -1.30
CA LEU B 38 5.41 5.27 -1.29
C LEU B 38 5.75 6.25 -0.18
N THR B 39 4.79 7.11 0.21
CA THR B 39 5.00 7.94 1.40
C THR B 39 5.25 7.06 2.62
N ILE B 40 4.44 6.01 2.80
CA ILE B 40 4.66 5.14 3.94
C ILE B 40 5.99 4.40 3.79
N LEU B 41 6.28 3.88 2.59
CA LEU B 41 7.49 3.09 2.41
C LEU B 41 8.73 3.93 2.69
N LEU B 42 8.71 5.20 2.29
CA LEU B 42 9.85 6.07 2.55
C LEU B 42 10.12 6.23 4.04
N GLU B 43 9.07 6.40 4.84
CA GLU B 43 9.28 6.53 6.28
C GLU B 43 9.76 5.22 6.88
N LEU B 44 9.16 4.11 6.46
CA LEU B 44 9.60 2.81 6.93
C LEU B 44 11.09 2.62 6.73
N ASN B 45 11.60 2.96 5.53
CA ASN B 45 13.00 2.69 5.23
C ASN B 45 13.93 3.78 5.73
N LEU B 46 13.39 4.92 6.14
CA LEU B 46 14.16 5.81 6.99
C LEU B 46 14.29 5.23 8.40
N ARG B 47 13.20 4.73 8.96
CA ARG B 47 13.22 4.35 10.37
C ARG B 47 14.04 3.10 10.61
N ASN B 48 14.09 2.18 9.66
CA ASN B 48 14.91 0.98 9.85
C ASN B 48 16.36 1.17 9.41
N GLY B 49 16.77 2.41 9.11
CA GLY B 49 18.15 2.72 8.75
C GLY B 49 18.56 2.38 7.33
N LYS B 50 17.61 2.04 6.45
CA LYS B 50 18.02 1.66 5.10
C LYS B 50 18.36 2.87 4.25
N LEU B 51 17.70 4.00 4.49
CA LEU B 51 17.86 5.19 3.68
C LEU B 51 18.43 6.33 4.52
N SER B 52 19.19 7.22 3.87
CA SER B 52 19.64 8.40 4.57
C SER B 52 18.51 9.43 4.68
N LYS B 53 18.62 10.30 5.69
CA LYS B 53 17.70 11.42 5.84
C LYS B 53 17.66 12.29 4.59
N GLU B 54 18.83 12.51 3.99
CA GLU B 54 18.91 13.42 2.86
C GLU B 54 18.27 12.82 1.60
N LEU B 55 18.47 11.53 1.37
CA LEU B 55 17.74 10.87 0.29
C LEU B 55 16.24 11.00 0.50
N VAL B 56 15.77 10.65 1.70
CA VAL B 56 14.33 10.69 1.97
C VAL B 56 13.79 12.10 1.80
N GLU B 57 14.56 13.10 2.24
CA GLU B 57 14.13 14.49 2.09
C GLU B 57 13.99 14.86 0.62
N GLU B 58 14.94 14.44 -0.22
CA GLU B 58 14.82 14.74 -1.65
C GLU B 58 13.66 13.98 -2.28
N ALA B 59 13.45 12.72 -1.88
CA ALA B 59 12.31 11.97 -2.38
C ALA B 59 11.00 12.61 -1.97
N LYS B 60 10.93 13.12 -0.74
CA LYS B 60 9.72 13.81 -0.28
C LYS B 60 9.44 15.06 -1.10
N ARG B 61 10.47 15.71 -1.62
CA ARG B 61 10.24 16.86 -2.49
C ARG B 61 9.67 16.41 -3.83
N ILE B 62 10.10 15.24 -4.31
CA ILE B 62 9.54 14.71 -5.54
C ILE B 62 8.08 14.33 -5.32
N ALA B 63 7.76 13.78 -4.15
CA ALA B 63 6.39 13.41 -3.81
C ALA B 63 5.46 14.62 -3.80
N GLU B 64 5.98 15.79 -3.42
CA GLU B 64 5.21 17.02 -3.56
C GLU B 64 4.93 17.32 -5.02
N ILE B 65 5.93 17.12 -5.89
CA ILE B 65 5.74 17.31 -7.32
C ILE B 65 4.71 16.33 -7.86
N VAL B 66 4.67 15.11 -7.31
CA VAL B 66 3.67 14.13 -7.74
C VAL B 66 2.29 14.54 -7.25
N LYS B 67 2.18 14.91 -5.97
CA LYS B 67 0.90 15.36 -5.42
C LYS B 67 0.29 16.45 -6.30
N GLU B 68 1.13 17.35 -6.78
CA GLU B 68 0.68 18.43 -7.63
C GLU B 68 0.33 17.92 -9.02
N ALA B 69 1.25 17.15 -9.61
CA ALA B 69 1.00 16.62 -10.94
C ALA B 69 -0.27 15.79 -10.98
N ILE B 70 -0.64 15.14 -9.87
CA ILE B 70 -1.93 14.45 -9.83
C ILE B 70 -3.06 15.46 -9.82
N GLU B 71 -3.00 16.42 -8.90
CA GLU B 71 -4.07 17.42 -8.80
C GLU B 71 -4.25 18.15 -10.13
N LYS B 72 -3.15 18.41 -10.84
CA LYS B 72 -3.14 19.12 -12.11
C LYS B 72 -3.43 18.24 -13.32
N GLY B 73 -3.56 16.92 -13.13
CA GLY B 73 -3.79 16.04 -14.27
C GLY B 73 -2.61 15.80 -15.17
N ALA B 74 -1.39 16.10 -14.70
CA ALA B 74 -0.17 15.79 -15.46
C ALA B 74 0.27 14.37 -15.10
N VAL B 75 -0.40 13.39 -15.71
CA VAL B 75 -0.27 12.01 -15.27
C VAL B 75 1.12 11.45 -15.55
N GLU B 76 1.76 11.88 -16.66
CA GLU B 76 3.07 11.32 -16.99
C GLU B 76 4.11 11.83 -16.02
N VAL B 77 4.02 13.09 -15.63
CA VAL B 77 4.88 13.62 -14.58
C VAL B 77 4.63 12.87 -13.28
N ALA B 78 3.35 12.64 -12.94
CA ALA B 78 3.03 11.87 -11.75
C ALA B 78 3.68 10.49 -11.80
N GLU B 79 3.53 9.79 -12.93
CA GLU B 79 4.01 8.40 -13.03
C GLU B 79 5.53 8.32 -12.95
N LYS B 80 6.24 9.22 -13.64
CA LYS B 80 7.70 9.21 -13.55
C LYS B 80 8.19 9.61 -12.16
N GLY B 81 7.54 10.59 -11.53
CA GLY B 81 7.90 10.95 -10.17
C GLY B 81 7.78 9.78 -9.21
N LEU B 82 6.71 8.99 -9.34
CA LEU B 82 6.53 7.84 -8.46
C LEU B 82 7.58 6.76 -8.74
N GLU B 83 8.00 6.62 -10.01
CA GLU B 83 9.04 5.65 -10.35
C GLU B 83 10.38 6.02 -9.70
N VAL B 84 10.69 7.32 -9.67
CA VAL B 84 11.90 7.78 -8.99
C VAL B 84 11.80 7.58 -7.48
N ILE B 85 10.65 7.93 -6.90
CA ILE B 85 10.46 7.71 -5.46
C ILE B 85 10.60 6.23 -5.11
N ASP B 86 9.96 5.35 -5.88
CA ASP B 86 10.07 3.92 -5.62
C ASP B 86 11.54 3.47 -5.70
N ALA B 87 12.23 3.86 -6.76
CA ALA B 87 13.65 3.53 -6.85
C ALA B 87 14.43 4.06 -5.65
N ALA B 88 14.13 5.30 -5.23
CA ALA B 88 14.80 5.86 -4.07
C ALA B 88 14.51 5.05 -2.80
N ALA B 89 13.24 4.67 -2.62
CA ALA B 89 12.85 3.93 -1.42
C ALA B 89 13.53 2.56 -1.36
N HIS B 90 13.87 1.98 -2.50
CA HIS B 90 14.52 0.68 -2.53
C HIS B 90 16.04 0.79 -2.56
N GLY B 91 16.59 2.01 -2.46
CA GLY B 91 18.03 2.18 -2.53
C GLY B 91 18.61 1.88 -3.89
N LYS B 92 17.87 2.13 -4.97
CA LYS B 92 18.29 1.78 -6.31
C LYS B 92 18.77 2.98 -7.10
N ILE B 93 18.72 4.17 -6.51
CA ILE B 93 19.15 5.37 -7.19
C ILE B 93 19.92 6.21 -6.17
N SER B 94 21.00 6.84 -6.62
CA SER B 94 21.88 7.58 -5.72
C SER B 94 21.24 8.91 -5.34
N LEU B 95 21.77 9.50 -4.26
CA LEU B 95 21.35 10.83 -3.84
C LEU B 95 21.49 11.84 -4.98
N GLU B 96 22.65 11.86 -5.65
CA GLU B 96 22.83 12.78 -6.77
C GLU B 96 21.82 12.51 -7.87
N GLU B 97 21.57 11.24 -8.18
CA GLU B 97 20.59 10.92 -9.22
C GLU B 97 19.19 11.36 -8.82
N VAL B 98 18.82 11.22 -7.53
CA VAL B 98 17.52 11.69 -7.10
C VAL B 98 17.43 13.21 -7.22
N LYS B 99 18.50 13.91 -6.84
CA LYS B 99 18.53 15.36 -6.99
C LYS B 99 18.35 15.76 -8.45
N GLU B 100 18.99 15.05 -9.36
CA GLU B 100 18.90 15.40 -10.77
C GLU B 100 17.52 15.07 -11.33
N ALA B 101 16.96 13.93 -10.92
CA ALA B 101 15.61 13.56 -11.35
C ALA B 101 14.60 14.60 -10.90
N ARG B 102 14.74 15.10 -9.68
CA ARG B 102 13.80 16.11 -9.19
C ARG B 102 13.87 17.36 -10.05
N GLU B 103 15.07 17.80 -10.41
CA GLU B 103 15.22 18.96 -11.29
C GLU B 103 14.54 18.71 -12.63
N LYS B 104 14.87 17.59 -13.28
CA LYS B 104 14.25 17.26 -14.55
C LYS B 104 12.73 17.21 -14.43
N LEU B 105 12.23 16.71 -13.29
CA LEU B 105 10.79 16.55 -13.09
C LEU B 105 10.10 17.88 -12.82
N LYS B 106 10.64 18.65 -11.86
CA LYS B 106 10.03 19.94 -11.54
C LYS B 106 9.90 20.79 -12.81
N LYS B 107 10.97 20.85 -13.60
CA LYS B 107 10.90 21.56 -14.87
C LYS B 107 9.82 20.98 -15.78
N GLU B 108 9.74 19.65 -15.85
CA GLU B 108 8.79 19.00 -16.76
C GLU B 108 7.34 19.28 -16.38
N LEU B 109 7.09 19.64 -15.12
CA LEU B 109 5.74 19.96 -14.69
C LEU B 109 5.32 21.33 -15.22
N GLU B 110 6.25 22.27 -15.31
CA GLU B 110 5.93 23.64 -15.70
C GLU B 110 6.18 23.88 -17.19
N THR C 24 -14.67 -9.83 -11.44
CA THR C 24 -15.12 -9.19 -10.21
C THR C 24 -14.24 -9.57 -9.02
N GLU C 25 -13.61 -10.75 -9.08
CA GLU C 25 -12.61 -11.07 -8.08
C GLU C 25 -11.47 -10.07 -8.09
N GLU C 26 -11.15 -9.54 -9.27
CA GLU C 26 -10.11 -8.53 -9.39
C GLU C 26 -10.45 -7.29 -8.56
N GLU C 27 -11.72 -6.87 -8.59
CA GLU C 27 -12.11 -5.67 -7.86
C GLU C 27 -12.10 -5.91 -6.35
N LYS C 28 -12.57 -7.09 -5.90
CA LYS C 28 -12.45 -7.41 -4.50
C LYS C 28 -10.99 -7.37 -4.04
N HIS C 29 -10.10 -7.94 -4.85
CA HIS C 29 -8.67 -7.87 -4.57
C HIS C 29 -8.20 -6.43 -4.42
N HIS C 30 -8.55 -5.57 -5.37
CA HIS C 30 -8.19 -4.17 -5.28
C HIS C 30 -8.72 -3.55 -4.00
N LEU C 31 -9.98 -3.85 -3.67
CA LEU C 31 -10.57 -3.27 -2.46
C LEU C 31 -9.81 -3.69 -1.21
N HIS C 32 -9.40 -4.94 -1.14
CA HIS C 32 -8.62 -5.35 0.02
C HIS C 32 -7.25 -4.66 0.03
N ASP C 33 -6.61 -4.53 -1.14
CA ASP C 33 -5.35 -3.78 -1.21
C ASP C 33 -5.50 -2.39 -0.59
N ASP C 34 -6.53 -1.66 -1.01
CA ASP C 34 -6.76 -0.31 -0.49
C ASP C 34 -7.11 -0.31 0.97
N LEU C 35 -7.82 -1.36 1.44
CA LEU C 35 -8.13 -1.42 2.86
C LEU C 35 -6.86 -1.60 3.69
N ASP C 36 -5.96 -2.46 3.24
CA ASP C 36 -4.68 -2.61 3.95
C ASP C 36 -3.92 -1.29 3.94
N LEU C 37 -3.85 -0.66 2.77
CA LEU C 37 -3.10 0.58 2.61
C LEU C 37 -3.65 1.66 3.52
N LEU C 38 -4.96 1.90 3.46
CA LEU C 38 -5.52 3.01 4.25
C LEU C 38 -5.46 2.70 5.73
N THR C 39 -5.59 1.42 6.11
CA THR C 39 -5.47 1.05 7.52
C THR C 39 -4.09 1.40 8.05
N ILE C 40 -3.06 1.13 7.25
CA ILE C 40 -1.70 1.56 7.61
C ILE C 40 -1.59 3.09 7.59
N LEU C 41 -2.22 3.75 6.63
CA LEU C 41 -2.12 5.21 6.58
C LEU C 41 -2.70 5.84 7.84
N LEU C 42 -3.86 5.36 8.29
CA LEU C 42 -4.47 5.83 9.53
C LEU C 42 -3.53 5.72 10.70
N GLU C 43 -2.83 4.59 10.81
CA GLU C 43 -1.93 4.39 11.94
C GLU C 43 -0.71 5.29 11.84
N LEU C 44 -0.22 5.53 10.63
CA LEU C 44 0.91 6.44 10.45
C LEU C 44 0.52 7.86 10.83
N ASN C 45 -0.66 8.31 10.38
CA ASN C 45 -1.05 9.69 10.65
C ASN C 45 -1.60 9.87 12.06
N LEU C 46 -1.96 8.79 12.73
CA LEU C 46 -2.20 8.86 14.17
C LEU C 46 -0.88 9.01 14.92
N ARG C 47 0.12 8.20 14.56
CA ARG C 47 1.40 8.24 15.26
C ARG C 47 2.07 9.60 15.12
N ASN C 48 2.08 10.16 13.91
CA ASN C 48 2.69 11.48 13.75
C ASN C 48 1.76 12.63 14.16
N GLY C 49 0.68 12.36 14.88
CA GLY C 49 -0.13 13.41 15.50
C GLY C 49 -1.03 14.20 14.59
N LYS C 50 -1.14 13.85 13.31
CA LYS C 50 -2.02 14.60 12.42
C LYS C 50 -3.49 14.31 12.68
N LEU C 51 -3.83 13.14 13.23
CA LEU C 51 -5.21 12.78 13.46
C LEU C 51 -5.43 12.50 14.95
N SER C 52 -6.68 12.65 15.37
CA SER C 52 -7.08 12.37 16.73
C SER C 52 -7.39 10.88 16.88
N LYS C 53 -7.38 10.41 18.13
CA LYS C 53 -7.71 9.00 18.34
C LYS C 53 -9.15 8.70 17.95
N GLU C 54 -10.08 9.55 18.38
CA GLU C 54 -11.50 9.33 18.06
C GLU C 54 -11.75 9.26 16.56
N LEU C 55 -11.08 10.12 15.79
CA LEU C 55 -11.22 10.07 14.35
C LEU C 55 -10.76 8.73 13.80
N VAL C 56 -9.59 8.28 14.25
CA VAL C 56 -9.05 7.00 13.77
C VAL C 56 -9.94 5.85 14.23
N GLU C 57 -10.45 5.91 15.47
CA GLU C 57 -11.36 4.85 15.92
C GLU C 57 -12.61 4.78 15.06
N GLU C 58 -13.21 5.93 14.74
CA GLU C 58 -14.41 5.90 13.91
C GLU C 58 -14.10 5.42 12.51
N ALA C 59 -12.96 5.86 11.95
CA ALA C 59 -12.57 5.38 10.63
C ALA C 59 -12.29 3.88 10.67
N LYS C 60 -11.71 3.40 11.77
CA LYS C 60 -11.49 1.96 11.88
C LYS C 60 -12.80 1.19 11.96
N ARG C 61 -13.88 1.83 12.47
CA ARG C 61 -15.18 1.17 12.44
C ARG C 61 -15.71 1.11 11.01
N ILE C 62 -15.47 2.16 10.22
CA ILE C 62 -15.82 2.09 8.80
C ILE C 62 -15.00 1.01 8.11
N ALA C 63 -13.73 0.87 8.50
CA ALA C 63 -12.88 -0.18 7.92
C ALA C 63 -13.48 -1.56 8.19
N GLU C 64 -14.07 -1.76 9.37
CA GLU C 64 -14.78 -2.99 9.65
C GLU C 64 -15.95 -3.20 8.69
N ILE C 65 -16.64 -2.13 8.34
CA ILE C 65 -17.76 -2.25 7.40
C ILE C 65 -17.25 -2.61 6.01
N VAL C 66 -16.19 -1.92 5.56
CA VAL C 66 -15.60 -2.23 4.26
C VAL C 66 -15.18 -3.70 4.20
N LYS C 67 -14.53 -4.20 5.26
CA LYS C 67 -14.14 -5.59 5.27
C LYS C 67 -15.36 -6.49 5.07
N GLU C 68 -16.42 -6.26 5.84
CA GLU C 68 -17.66 -7.00 5.66
C GLU C 68 -18.22 -6.82 4.25
N ALA C 69 -18.28 -5.58 3.77
CA ALA C 69 -18.76 -5.35 2.41
C ALA C 69 -17.97 -6.18 1.41
N ILE C 70 -16.64 -6.19 1.55
CA ILE C 70 -15.80 -6.96 0.63
C ILE C 70 -16.18 -8.43 0.68
N GLU C 71 -16.40 -8.95 1.89
CA GLU C 71 -16.80 -10.34 2.06
C GLU C 71 -18.05 -10.67 1.25
N LYS C 72 -19.15 -9.94 1.48
CA LYS C 72 -20.39 -10.29 0.83
C LYS C 72 -20.53 -9.74 -0.59
N GLY C 73 -19.50 -9.08 -1.11
CA GLY C 73 -19.52 -8.63 -2.50
C GLY C 73 -20.10 -7.25 -2.73
N ALA C 74 -20.47 -6.53 -1.69
CA ALA C 74 -21.05 -5.19 -1.80
C ALA C 74 -20.01 -4.17 -2.23
N VAL C 75 -19.60 -4.22 -3.51
CA VAL C 75 -18.54 -3.35 -4.00
C VAL C 75 -18.82 -1.90 -3.64
N GLU C 76 -20.05 -1.46 -3.93
CA GLU C 76 -20.44 -0.06 -3.79
C GLU C 76 -20.22 0.44 -2.36
N VAL C 77 -20.71 -0.32 -1.37
CA VAL C 77 -20.48 0.05 0.03
C VAL C 77 -18.98 0.08 0.33
N ALA C 78 -18.25 -0.95 -0.12
CA ALA C 78 -16.82 -1.02 0.15
C ALA C 78 -16.11 0.19 -0.46
N GLU C 79 -16.43 0.51 -1.71
CA GLU C 79 -15.76 1.61 -2.40
C GLU C 79 -16.02 2.94 -1.70
N LYS C 80 -17.27 3.19 -1.30
CA LYS C 80 -17.57 4.43 -0.60
C LYS C 80 -16.88 4.48 0.76
N GLY C 81 -16.92 3.38 1.51
CA GLY C 81 -16.23 3.35 2.77
C GLY C 81 -14.76 3.69 2.65
N LEU C 82 -14.11 3.17 1.59
CA LEU C 82 -12.69 3.45 1.39
C LEU C 82 -12.45 4.92 1.08
N GLU C 83 -13.27 5.50 0.20
CA GLU C 83 -13.21 6.93 -0.07
C GLU C 83 -13.30 7.75 1.20
N VAL C 84 -14.19 7.35 2.11
CA VAL C 84 -14.35 8.04 3.37
C VAL C 84 -13.10 7.89 4.23
N ILE C 85 -12.57 6.65 4.33
CA ILE C 85 -11.39 6.42 5.16
C ILE C 85 -10.20 7.19 4.62
N ASP C 86 -10.05 7.22 3.29
CA ASP C 86 -8.96 7.99 2.70
C ASP C 86 -9.11 9.48 3.02
N ALA C 87 -10.31 10.01 2.79
CA ALA C 87 -10.57 11.40 3.15
C ALA C 87 -10.23 11.66 4.61
N ALA C 88 -10.58 10.72 5.48
CA ALA C 88 -10.29 10.89 6.90
C ALA C 88 -8.79 10.83 7.18
N ALA C 89 -8.09 9.86 6.57
CA ALA C 89 -6.66 9.73 6.83
C ALA C 89 -5.90 10.99 6.40
N HIS C 90 -6.41 11.68 5.38
CA HIS C 90 -5.79 12.89 4.88
C HIS C 90 -6.31 14.15 5.56
N GLY C 91 -7.09 14.02 6.63
CA GLY C 91 -7.63 15.18 7.31
C GLY C 91 -8.55 16.02 6.46
N LYS C 92 -9.33 15.39 5.58
CA LYS C 92 -10.20 16.09 4.64
C LYS C 92 -11.66 16.07 5.02
N ILE C 93 -12.07 15.28 6.01
CA ILE C 93 -13.44 15.27 6.52
C ILE C 93 -13.40 15.25 8.04
N SER C 94 -14.50 15.68 8.63
CA SER C 94 -14.60 15.89 10.08
C SER C 94 -14.99 14.60 10.79
N LEU C 95 -14.70 14.58 12.11
CA LEU C 95 -15.19 13.50 12.96
C LEU C 95 -16.69 13.27 12.76
N GLU C 96 -17.47 14.34 12.74
CA GLU C 96 -18.91 14.20 12.58
C GLU C 96 -19.25 13.58 11.23
N GLU C 97 -18.54 13.99 10.18
CA GLU C 97 -18.79 13.42 8.87
C GLU C 97 -18.45 11.93 8.84
N VAL C 98 -17.41 11.52 9.59
CA VAL C 98 -17.05 10.10 9.64
C VAL C 98 -18.11 9.30 10.38
N LYS C 99 -18.62 9.83 11.49
CA LYS C 99 -19.70 9.15 12.20
C LYS C 99 -20.95 9.06 11.33
N GLU C 100 -21.28 10.15 10.64
CA GLU C 100 -22.42 10.13 9.73
C GLU C 100 -22.27 9.05 8.68
N ALA C 101 -21.12 9.04 7.99
CA ALA C 101 -20.90 8.07 6.92
C ALA C 101 -20.95 6.65 7.45
N ARG C 102 -20.45 6.43 8.67
CA ARG C 102 -20.46 5.08 9.24
C ARG C 102 -21.88 4.57 9.40
N GLU C 103 -22.76 5.37 10.04
CA GLU C 103 -24.15 4.95 10.21
C GLU C 103 -24.81 4.70 8.86
N LYS C 104 -24.61 5.60 7.90
CA LYS C 104 -25.19 5.41 6.59
C LYS C 104 -24.69 4.14 5.93
N LEU C 105 -23.39 3.85 6.09
CA LEU C 105 -22.79 2.69 5.42
C LEU C 105 -23.23 1.38 6.07
N LYS C 106 -23.21 1.33 7.40
CA LYS C 106 -23.69 0.15 8.10
C LYS C 106 -25.12 -0.19 7.68
N LYS C 107 -26.00 0.82 7.72
CA LYS C 107 -27.40 0.61 7.34
C LYS C 107 -27.51 0.19 5.88
N GLU C 108 -26.72 0.81 5.01
CA GLU C 108 -26.75 0.49 3.58
C GLU C 108 -26.16 -0.89 3.30
N LEU C 109 -25.25 -1.35 4.15
CA LEU C 109 -24.77 -2.72 4.04
C LEU C 109 -25.85 -3.72 4.45
N GLU C 110 -26.71 -3.33 5.39
CA GLU C 110 -27.75 -4.23 5.88
C GLU C 110 -28.71 -4.63 4.76
N GLU C 111 -29.05 -3.70 3.88
CA GLU C 111 -29.84 -4.03 2.70
C GLU C 111 -29.10 -4.98 1.78
#